data_4HKY
#
_entry.id   4HKY
#
_cell.length_a   145.627
_cell.length_b   39.324
_cell.length_c   75.370
_cell.angle_alpha   90.00
_cell.angle_beta   99.96
_cell.angle_gamma   90.00
#
_symmetry.space_group_name_H-M   'C 1 2 1'
#
loop_
_entity.id
_entity.type
_entity.pdbx_description
1 polymer 'Beta-lactamase NDM-1'
2 non-polymer '(5R,6S)-6-(1-hydroxyethyl)-7-oxo-3-[(2R)-oxolan-2-yl]-4-thia-1-azabicyclo[3.2.0]hept-2-ene-2-carboxylic acid'
3 non-polymer '(2R)-2-[(1S,2R)-1-carboxy-2-hydroxypropyl]-5-[(2R)-oxolan-2-yl]-2,3-dihydro-1,3-thiazole-4-carboxylic acid'
4 non-polymer 'CADMIUM ION'
5 non-polymer 'CHLORIDE ION'
6 non-polymer GLYCEROL
7 water water
#
_entity_poly.entity_id   1
_entity_poly.type   'polypeptide(L)'
_entity_poly.pdbx_seq_one_letter_code
;SNAIRPTIGQQMETGDQRFGDLVFRQLAPNVWQHTSYLDMPGFGAVASNGLIVRDGGRVLVVDTAWTDDQTAQILNWIKQ
EINLPVALAVVTHAHQDKMGGMDALHAAGIATYANALSNQLAPQEGMVAAQHSLTFAANGWVEPATAPNFGPLKVFYPGP
GHTSDNITVGIDGTDIAFGGCLIKDSKAKSLGNLGDADTEHYAASARAFGAAFPKASMIVMSHSAPDSRAAITHTARMAD
KLR
;
_entity_poly.pdbx_strand_id   A,B
#
loop_
_chem_comp.id
_chem_comp.type
_chem_comp.name
_chem_comp.formula
CD non-polymer 'CADMIUM ION' 'Cd 2'
CL non-polymer 'CHLORIDE ION' 'Cl -1'
FPM non-polymer '(5R,6S)-6-(1-hydroxyethyl)-7-oxo-3-[(2R)-oxolan-2-yl]-4-thia-1-azabicyclo[3.2.0]hept-2-ene-2-carboxylic acid' 'C12 H15 N O5 S'
GOL non-polymer GLYCEROL 'C3 H8 O3'
SFR non-polymer '(2R)-2-[(1S,2R)-1-carboxy-2-hydroxypropyl]-5-[(2R)-oxolan-2-yl]-2,3-dihydro-1,3-thiazole-4-carboxylic acid' 'C12 H17 N O6 S'
#
# COMPACT_ATOMS: atom_id res chain seq x y z
N THR A 14 -2.19 11.89 -37.62
CA THR A 14 -3.39 11.61 -38.40
C THR A 14 -3.93 10.19 -38.16
N GLY A 15 -5.15 9.94 -38.64
CA GLY A 15 -5.80 8.66 -38.48
C GLY A 15 -6.25 8.31 -37.06
N ASP A 16 -7.24 9.04 -36.56
CA ASP A 16 -7.77 8.85 -35.20
C ASP A 16 -9.32 9.03 -35.14
N GLN A 17 -10.05 7.92 -35.19
CA GLN A 17 -11.51 7.93 -35.29
C GLN A 17 -12.26 8.57 -34.11
N ARG A 18 -13.25 9.44 -34.39
CA ARG A 18 -14.07 10.05 -33.36
C ARG A 18 -15.48 9.46 -33.27
N PHE A 19 -16.08 9.52 -32.08
CA PHE A 19 -17.48 9.10 -31.84
C PHE A 19 -17.99 9.87 -30.63
N GLY A 20 -18.95 10.76 -30.86
CA GLY A 20 -19.33 11.72 -29.84
C GLY A 20 -18.14 12.63 -29.57
N ASP A 21 -17.67 12.63 -28.32
CA ASP A 21 -16.53 13.45 -27.93
C ASP A 21 -15.35 12.63 -27.46
N LEU A 22 -15.15 11.45 -28.03
CA LEU A 22 -14.20 10.48 -27.47
C LEU A 22 -13.33 9.69 -28.45
N VAL A 23 -12.23 10.26 -28.93
CA VAL A 23 -11.39 9.54 -29.91
C VAL A 23 -11.01 8.08 -29.57
N PHE A 24 -11.20 7.18 -30.53
CA PHE A 24 -10.62 5.84 -30.51
C PHE A 24 -9.46 5.80 -31.50
N ARG A 25 -8.34 5.24 -31.06
CA ARG A 25 -7.22 5.02 -31.98
C ARG A 25 -6.79 3.56 -31.91
N GLN A 26 -6.55 2.94 -33.05
CA GLN A 26 -6.16 1.55 -33.04
C GLN A 26 -4.65 1.36 -32.88
N LEU A 27 -4.25 0.57 -31.89
CA LEU A 27 -2.84 0.35 -31.57
C LEU A 27 -2.31 -0.96 -32.17
N ALA A 28 -3.13 -1.99 -32.10
CA ALA A 28 -2.80 -3.32 -32.59
C ALA A 28 -4.14 -3.84 -33.08
N PRO A 29 -4.15 -4.95 -33.85
CA PRO A 29 -5.44 -5.38 -34.42
C PRO A 29 -6.57 -5.56 -33.40
N ASN A 30 -6.23 -5.72 -32.12
CA ASN A 30 -7.26 -5.93 -31.10
C ASN A 30 -7.16 -5.01 -29.88
N VAL A 31 -6.40 -3.92 -30.03
CA VAL A 31 -6.20 -2.99 -28.94
C VAL A 31 -6.49 -1.58 -29.42
N TRP A 32 -7.46 -0.93 -28.80
CA TRP A 32 -7.77 0.46 -29.10
C TRP A 32 -7.42 1.36 -27.93
N GLN A 33 -6.98 2.56 -28.25
CA GLN A 33 -6.83 3.59 -27.25
C GLN A 33 -8.08 4.48 -27.29
N HIS A 34 -8.78 4.50 -26.16
CA HIS A 34 -9.90 5.43 -25.97
C HIS A 34 -9.38 6.69 -25.31
N THR A 35 -9.76 7.85 -25.85
CA THR A 35 -9.29 9.11 -25.30
C THR A 35 -10.45 10.02 -25.02
N SER A 36 -10.52 10.54 -23.79
CA SER A 36 -11.53 11.54 -23.42
C SER A 36 -10.88 12.82 -22.92
N TYR A 37 -11.67 13.88 -22.83
CA TYR A 37 -11.15 15.19 -22.47
C TYR A 37 -11.90 15.87 -21.33
N LEU A 38 -11.16 16.50 -20.44
CA LEU A 38 -11.73 17.31 -19.39
C LEU A 38 -11.03 18.65 -19.38
N ASP A 39 -11.70 19.69 -18.93
CA ASP A 39 -11.17 21.04 -18.92
C ASP A 39 -10.77 21.45 -17.54
N MET A 40 -9.48 21.65 -17.34
CA MET A 40 -8.98 21.99 -16.02
C MET A 40 -8.82 23.50 -15.79
N PRO A 41 -9.90 24.23 -15.98
CA PRO A 41 -9.90 25.69 -15.76
C PRO A 41 -8.66 26.15 -14.99
N GLY A 44 -6.23 24.74 -18.58
CA GLY A 44 -6.69 24.30 -19.88
C GLY A 44 -7.32 22.93 -19.97
N ALA A 45 -7.42 22.37 -21.17
CA ALA A 45 -8.06 21.10 -21.38
C ALA A 45 -7.07 19.98 -21.36
N VAL A 46 -7.53 18.80 -20.96
CA VAL A 46 -6.61 17.70 -20.68
C VAL A 46 -7.12 16.33 -21.17
N ALA A 47 -6.26 15.61 -21.87
CA ALA A 47 -6.62 14.30 -22.40
C ALA A 47 -6.41 13.19 -21.37
N SER A 48 -7.29 12.18 -21.39
CA SER A 48 -7.05 10.95 -20.63
C SER A 48 -7.16 9.74 -21.55
N ASN A 49 -6.13 8.89 -21.51
CA ASN A 49 -6.09 7.68 -22.31
C ASN A 49 -6.44 6.42 -21.51
N GLY A 50 -7.15 5.51 -22.16
CA GLY A 50 -7.41 4.19 -21.62
C GLY A 50 -7.38 3.18 -22.73
N LEU A 51 -7.56 1.91 -22.39
CA LEU A 51 -7.50 0.85 -23.38
C LEU A 51 -8.82 0.11 -23.53
N ILE A 52 -9.04 -0.41 -24.74
CA ILE A 52 -10.10 -1.37 -24.99
C ILE A 52 -9.43 -2.56 -25.63
N VAL A 53 -9.80 -3.75 -25.18
CA VAL A 53 -9.14 -4.97 -25.63
C VAL A 53 -10.16 -5.98 -26.12
N ARG A 54 -9.97 -6.46 -27.35
CA ARG A 54 -10.80 -7.50 -27.91
C ARG A 54 -10.12 -8.84 -27.68
N ASP A 55 -10.72 -9.67 -26.84
CA ASP A 55 -10.18 -10.99 -26.54
C ASP A 55 -11.22 -12.07 -26.71
N GLY A 56 -11.14 -12.79 -27.82
CA GLY A 56 -12.14 -13.77 -28.17
C GLY A 56 -13.49 -13.10 -28.33
N GLY A 57 -14.52 -13.70 -27.73
CA GLY A 57 -15.87 -13.20 -27.86
C GLY A 57 -16.35 -12.29 -26.75
N ARG A 58 -15.42 -11.56 -26.11
CA ARG A 58 -15.82 -10.53 -25.16
C ARG A 58 -14.85 -9.35 -25.25
N VAL A 59 -15.25 -8.22 -24.66
CA VAL A 59 -14.42 -7.03 -24.63
C VAL A 59 -13.95 -6.77 -23.20
N LEU A 60 -12.68 -6.38 -23.05
CA LEU A 60 -12.16 -5.94 -21.76
C LEU A 60 -11.75 -4.45 -21.81
N VAL A 61 -12.08 -3.70 -20.77
CA VAL A 61 -11.76 -2.28 -20.72
C VAL A 61 -10.75 -1.96 -19.61
N VAL A 62 -9.83 -1.04 -19.88
CA VAL A 62 -8.90 -0.57 -18.88
C VAL A 62 -9.09 0.93 -18.77
N ASP A 63 -9.43 1.37 -17.56
CA ASP A 63 -9.75 2.76 -17.25
C ASP A 63 -11.06 3.28 -17.85
N THR A 64 -11.77 4.05 -17.04
CA THR A 64 -12.97 4.75 -17.48
C THR A 64 -12.49 6.08 -18.07
N ALA A 65 -13.44 6.87 -18.57
CA ALA A 65 -13.15 8.25 -18.95
C ALA A 65 -13.29 9.17 -17.72
N TRP A 66 -13.16 10.48 -17.93
CA TRP A 66 -13.30 11.41 -16.82
C TRP A 66 -14.73 11.39 -16.23
N THR A 67 -15.74 11.15 -17.06
CA THR A 67 -17.11 11.16 -16.56
C THR A 67 -17.99 9.98 -16.98
N ASP A 68 -19.14 9.88 -16.32
CA ASP A 68 -20.12 8.85 -16.60
C ASP A 68 -20.65 8.93 -18.03
N ASP A 69 -20.97 10.12 -18.52
CA ASP A 69 -21.50 10.23 -19.89
C ASP A 69 -20.49 9.81 -20.95
N GLN A 70 -19.23 10.19 -20.77
CA GLN A 70 -18.17 9.78 -21.69
C GLN A 70 -18.03 8.26 -21.64
N THR A 71 -18.10 7.71 -20.44
CA THR A 71 -17.97 6.28 -20.28
C THR A 71 -19.13 5.52 -20.93
N ALA A 72 -20.30 6.14 -20.96
CA ALA A 72 -21.46 5.50 -21.58
C ALA A 72 -21.27 5.50 -23.09
N GLN A 73 -20.74 6.61 -23.60
CA GLN A 73 -20.32 6.66 -24.99
C GLN A 73 -19.34 5.55 -25.38
N ILE A 74 -18.36 5.28 -24.52
CA ILE A 74 -17.41 4.20 -24.81
C ILE A 74 -18.18 2.89 -24.99
N LEU A 75 -19.17 2.67 -24.12
CA LEU A 75 -19.93 1.42 -24.14
C LEU A 75 -20.77 1.28 -25.43
N ASN A 76 -21.45 2.36 -25.79
CA ASN A 76 -22.25 2.46 -27.01
C ASN A 76 -21.45 2.05 -28.24
N TRP A 77 -20.28 2.67 -28.33
CA TRP A 77 -19.27 2.38 -29.33
C TRP A 77 -18.89 0.92 -29.43
N ILE A 78 -18.55 0.32 -28.29
CA ILE A 78 -18.19 -1.09 -28.28
C ILE A 78 -19.33 -1.90 -28.85
N LYS A 79 -20.55 -1.51 -28.47
CA LYS A 79 -21.77 -2.15 -28.93
C LYS A 79 -21.91 -2.07 -30.44
N GLN A 80 -21.48 -0.94 -31.02
CA GLN A 80 -21.68 -0.65 -32.44
C GLN A 80 -20.44 -0.73 -33.36
N GLU A 81 -19.24 -0.77 -32.79
CA GLU A 81 -18.02 -0.91 -33.60
C GLU A 81 -17.39 -2.29 -33.45
N ILE A 82 -17.56 -2.89 -32.28
CA ILE A 82 -17.05 -4.22 -31.99
C ILE A 82 -18.20 -5.22 -31.90
N ASN A 83 -19.30 -4.79 -31.28
CA ASN A 83 -20.46 -5.65 -31.01
C ASN A 83 -20.15 -6.95 -30.27
N LEU A 84 -19.31 -6.84 -29.26
CA LEU A 84 -19.05 -7.94 -28.35
C LEU A 84 -19.33 -7.39 -26.96
N PRO A 85 -19.92 -8.21 -26.08
CA PRO A 85 -20.32 -7.68 -24.78
C PRO A 85 -19.10 -7.43 -23.87
N VAL A 86 -19.19 -6.40 -23.03
CA VAL A 86 -18.10 -6.03 -22.14
C VAL A 86 -18.13 -6.89 -20.89
N ALA A 87 -17.08 -7.71 -20.71
CA ALA A 87 -17.03 -8.67 -19.60
C ALA A 87 -16.58 -8.03 -18.28
N LEU A 88 -15.49 -7.27 -18.32
CA LEU A 88 -14.91 -6.70 -17.12
C LEU A 88 -14.26 -5.38 -17.46
N ALA A 89 -14.07 -4.54 -16.44
CA ALA A 89 -13.23 -3.36 -16.61
C ALA A 89 -12.24 -3.27 -15.43
N VAL A 90 -11.01 -2.84 -15.71
CA VAL A 90 -9.98 -2.67 -14.69
C VAL A 90 -9.60 -1.20 -14.64
N VAL A 91 -9.54 -0.62 -13.45
CA VAL A 91 -9.12 0.77 -13.32
C VAL A 91 -7.80 0.84 -12.55
N THR A 92 -6.91 1.75 -12.94
CA THR A 92 -5.50 1.62 -12.53
C THR A 92 -5.13 2.41 -11.27
N HIS A 93 -5.96 3.38 -10.90
CA HIS A 93 -5.99 3.92 -9.54
C HIS A 93 -7.18 4.84 -9.30
N ALA A 94 -7.26 5.34 -8.07
CA ALA A 94 -8.39 6.15 -7.64
C ALA A 94 -8.18 7.62 -7.98
N HIS A 95 -8.11 7.94 -9.26
CA HIS A 95 -8.14 9.33 -9.68
C HIS A 95 -9.26 9.53 -10.73
N GLN A 96 -9.67 10.76 -10.96
CA GLN A 96 -10.83 11.02 -11.85
C GLN A 96 -10.64 10.59 -13.30
N ASP A 97 -9.42 10.67 -13.80
CA ASP A 97 -9.23 10.32 -15.19
C ASP A 97 -9.31 8.81 -15.38
N LYS A 98 -9.20 8.07 -14.29
CA LYS A 98 -9.23 6.62 -14.36
C LYS A 98 -10.49 6.00 -13.80
N MET A 99 -11.23 6.77 -13.00
CA MET A 99 -12.27 6.19 -12.14
C MET A 99 -13.53 7.05 -12.15
N GLY A 100 -13.44 8.23 -12.74
CA GLY A 100 -14.58 9.12 -12.76
C GLY A 100 -15.85 8.55 -13.38
N GLY A 101 -15.75 7.48 -14.16
CA GLY A 101 -16.90 6.93 -14.87
C GLY A 101 -17.45 5.61 -14.33
N MET A 102 -17.06 5.22 -13.10
CA MET A 102 -17.52 3.97 -12.49
C MET A 102 -19.04 3.72 -12.50
N ASP A 103 -19.85 4.74 -12.21
CA ASP A 103 -21.32 4.53 -12.19
C ASP A 103 -21.89 4.04 -13.53
N ALA A 104 -21.37 4.59 -14.62
CA ALA A 104 -21.82 4.18 -15.95
C ALA A 104 -21.47 2.71 -16.18
N LEU A 105 -20.29 2.28 -15.73
CA LEU A 105 -19.92 0.87 -15.85
C LEU A 105 -20.93 -0.01 -15.09
N HIS A 106 -21.18 0.35 -13.83
CA HIS A 106 -22.11 -0.38 -12.98
C HIS A 106 -23.56 -0.38 -13.50
N ALA A 107 -24.04 0.76 -13.98
CA ALA A 107 -25.36 0.80 -14.62
C ALA A 107 -25.48 -0.20 -15.79
N ALA A 108 -24.37 -0.40 -16.53
CA ALA A 108 -24.33 -1.40 -17.60
C ALA A 108 -24.09 -2.82 -17.06
N GLY A 109 -24.00 -2.96 -15.75
CA GLY A 109 -23.81 -4.25 -15.11
C GLY A 109 -22.44 -4.89 -15.33
N ILE A 110 -21.42 -4.06 -15.60
CA ILE A 110 -20.11 -4.60 -15.96
C ILE A 110 -19.25 -4.82 -14.72
N ALA A 111 -18.65 -6.00 -14.62
CA ALA A 111 -17.78 -6.32 -13.48
C ALA A 111 -16.53 -5.46 -13.47
N THR A 112 -16.31 -4.76 -12.37
CA THR A 112 -15.20 -3.82 -12.30
C THR A 112 -14.22 -4.21 -11.19
N TYR A 113 -12.94 -4.04 -11.50
CA TYR A 113 -11.87 -4.50 -10.65
C TYR A 113 -10.93 -3.34 -10.41
N ALA A 114 -10.40 -3.25 -9.19
CA ALA A 114 -9.31 -2.33 -8.94
C ALA A 114 -8.48 -2.92 -7.81
N ASN A 115 -7.26 -2.41 -7.67
CA ASN A 115 -6.42 -2.64 -6.49
C ASN A 115 -7.30 -2.40 -5.25
N ALA A 116 -7.30 -3.35 -4.33
CA ALA A 116 -7.99 -3.22 -3.05
C ALA A 116 -7.72 -1.84 -2.47
N LEU A 117 -6.49 -1.38 -2.60
CA LEU A 117 -6.11 -0.08 -2.09
C LEU A 117 -6.84 1.04 -2.83
N SER A 118 -7.00 0.90 -4.16
CA SER A 118 -7.74 1.93 -4.90
C SER A 118 -9.16 2.02 -4.36
N ASN A 119 -9.75 0.87 -4.04
CA ASN A 119 -11.10 0.78 -3.54
C ASN A 119 -11.23 1.36 -2.16
N GLN A 120 -10.20 1.20 -1.33
CA GLN A 120 -10.19 1.76 0.00
C GLN A 120 -10.07 3.27 -0.08
N LEU A 121 -9.29 3.77 -1.03
CA LEU A 121 -9.07 5.23 -1.13
C LEU A 121 -10.19 5.95 -1.92
N ALA A 122 -10.97 5.19 -2.67
CA ALA A 122 -11.94 5.80 -3.60
C ALA A 122 -12.91 6.81 -2.95
N PRO A 123 -13.54 6.45 -1.81
CA PRO A 123 -14.40 7.43 -1.13
C PRO A 123 -13.71 8.75 -0.78
N GLN A 124 -12.50 8.72 -0.21
CA GLN A 124 -11.86 9.99 0.12
C GLN A 124 -11.39 10.76 -1.12
N GLU A 125 -11.19 10.06 -2.24
CA GLU A 125 -10.79 10.68 -3.50
C GLU A 125 -11.99 11.12 -4.36
N GLY A 126 -13.19 11.10 -3.80
CA GLY A 126 -14.40 11.42 -4.55
C GLY A 126 -14.84 10.42 -5.62
N MET A 127 -14.26 9.23 -5.59
CA MET A 127 -14.58 8.21 -6.60
C MET A 127 -15.49 7.14 -6.02
N VAL A 128 -16.23 6.48 -6.91
CA VAL A 128 -17.00 5.30 -6.60
C VAL A 128 -16.09 4.07 -6.71
N ALA A 129 -16.11 3.18 -5.72
CA ALA A 129 -15.26 1.97 -5.76
C ALA A 129 -15.67 0.96 -6.83
N ALA A 130 -14.69 0.21 -7.33
CA ALA A 130 -14.96 -0.95 -8.18
C ALA A 130 -15.66 -2.00 -7.34
N GLN A 131 -16.34 -2.93 -7.97
CA GLN A 131 -17.06 -3.96 -7.23
C GLN A 131 -16.12 -5.04 -6.69
N HIS A 132 -14.97 -5.22 -7.35
CA HIS A 132 -14.03 -6.27 -7.00
C HIS A 132 -12.64 -5.72 -6.66
N SER A 133 -11.93 -6.41 -5.77
CA SER A 133 -10.63 -5.94 -5.29
C SER A 133 -9.50 -6.89 -5.74
N LEU A 134 -8.51 -6.35 -6.44
CA LEU A 134 -7.32 -7.10 -6.78
C LEU A 134 -6.29 -7.01 -5.64
N THR A 135 -5.66 -8.15 -5.33
CA THR A 135 -4.51 -8.14 -4.43
C THR A 135 -3.27 -8.62 -5.17
N PHE A 136 -2.11 -8.39 -4.57
CA PHE A 136 -0.86 -8.62 -5.24
C PHE A 136 0.12 -9.39 -4.36
N ALA A 137 1.02 -10.12 -5.00
CA ALA A 137 2.09 -10.80 -4.28
C ALA A 137 3.22 -9.80 -3.99
N ALA A 138 4.20 -10.23 -3.21
CA ALA A 138 5.33 -9.41 -2.88
C ALA A 138 6.12 -9.01 -4.14
N ASN A 139 6.07 -9.83 -5.17
CA ASN A 139 6.80 -9.49 -6.38
C ASN A 139 6.02 -8.60 -7.35
N GLY A 140 4.82 -8.19 -6.93
CA GLY A 140 4.03 -7.20 -7.66
C GLY A 140 3.00 -7.80 -8.59
N TRP A 141 3.10 -9.09 -8.89
CA TRP A 141 2.12 -9.73 -9.76
C TRP A 141 0.79 -9.96 -9.06
N VAL A 142 -0.30 -9.82 -9.82
CA VAL A 142 -1.64 -9.91 -9.25
C VAL A 142 -1.88 -11.35 -8.85
N GLU A 143 -2.60 -11.54 -7.75
CA GLU A 143 -3.03 -12.86 -7.34
C GLU A 143 -4.14 -13.33 -8.29
N PRO A 144 -3.86 -14.41 -9.04
CA PRO A 144 -4.70 -14.90 -10.13
C PRO A 144 -6.17 -15.06 -9.77
N ALA A 145 -6.43 -15.46 -8.53
CA ALA A 145 -7.81 -15.71 -8.10
C ALA A 145 -8.56 -14.44 -7.75
N THR A 146 -7.87 -13.31 -7.73
CA THR A 146 -8.58 -12.07 -7.56
C THR A 146 -8.83 -11.44 -8.94
N ALA A 147 -8.21 -12.02 -9.96
CA ALA A 147 -8.37 -11.54 -11.35
C ALA A 147 -8.78 -12.68 -12.30
N PRO A 148 -9.96 -13.26 -12.07
CA PRO A 148 -10.40 -14.41 -12.88
C PRO A 148 -10.73 -14.01 -14.31
N ASN A 149 -10.33 -14.84 -15.27
CA ASN A 149 -10.64 -14.62 -16.68
C ASN A 149 -10.21 -13.27 -17.22
N PHE A 150 -9.02 -12.80 -16.86
CA PHE A 150 -8.54 -11.55 -17.43
C PHE A 150 -7.94 -11.77 -18.81
N GLY A 151 -7.82 -13.03 -19.22
CA GLY A 151 -7.36 -13.37 -20.56
C GLY A 151 -5.95 -12.88 -20.81
N PRO A 152 -5.77 -12.01 -21.80
CA PRO A 152 -4.47 -11.43 -22.16
C PRO A 152 -4.03 -10.30 -21.24
N LEU A 153 -4.86 -9.91 -20.30
CA LEU A 153 -4.52 -8.81 -19.40
C LEU A 153 -3.62 -9.31 -18.29
N LYS A 154 -2.44 -8.72 -18.16
CA LYS A 154 -1.47 -9.13 -17.12
C LYS A 154 -1.25 -7.96 -16.16
N VAL A 155 -1.82 -8.07 -14.96
CA VAL A 155 -1.89 -6.93 -14.05
C VAL A 155 -0.76 -6.93 -13.04
N PHE A 156 -0.07 -5.80 -12.94
CA PHE A 156 1.17 -5.72 -12.17
C PHE A 156 1.21 -4.47 -11.29
N TYR A 157 1.52 -4.64 -10.02
CA TYR A 157 1.63 -3.53 -9.09
C TYR A 157 3.11 -3.21 -8.84
N PRO A 158 3.59 -2.10 -9.42
CA PRO A 158 5.04 -1.84 -9.41
C PRO A 158 5.53 -1.16 -8.14
N GLY A 159 4.62 -0.85 -7.23
CA GLY A 159 4.92 -0.12 -6.01
C GLY A 159 4.49 1.34 -6.13
N PRO A 160 4.59 2.09 -5.02
CA PRO A 160 4.06 3.46 -4.99
C PRO A 160 4.88 4.38 -5.89
N GLY A 161 4.23 5.32 -6.56
CA GLY A 161 4.92 6.21 -7.47
C GLY A 161 4.09 7.44 -7.71
N HIS A 162 3.29 7.41 -8.77
CA HIS A 162 2.33 8.47 -9.03
C HIS A 162 1.31 8.61 -7.92
N THR A 163 0.82 7.47 -7.43
CA THR A 163 0.01 7.38 -6.23
C THR A 163 0.45 6.11 -5.57
N SER A 164 -0.06 5.85 -4.37
CA SER A 164 0.38 4.68 -3.66
C SER A 164 -0.27 3.43 -4.25
N ASP A 165 -1.41 3.60 -4.91
CA ASP A 165 -2.17 2.44 -5.34
C ASP A 165 -2.04 2.15 -6.84
N ASN A 166 -1.25 2.94 -7.57
CA ASN A 166 -1.18 2.75 -9.03
C ASN A 166 -0.76 1.35 -9.48
N ILE A 167 -1.56 0.76 -10.37
CA ILE A 167 -1.19 -0.50 -10.99
C ILE A 167 -1.00 -0.29 -12.50
N THR A 168 -0.56 -1.34 -13.18
CA THR A 168 -0.21 -1.25 -14.60
C THR A 168 -0.62 -2.55 -15.24
N VAL A 169 -0.70 -2.55 -16.57
CA VAL A 169 -1.24 -3.71 -17.26
C VAL A 169 -0.46 -3.96 -18.56
N GLY A 170 -0.12 -5.21 -18.79
CA GLY A 170 0.54 -5.62 -20.00
C GLY A 170 -0.48 -6.37 -20.83
N ILE A 171 -0.32 -6.32 -22.14
CA ILE A 171 -1.24 -7.08 -22.99
C ILE A 171 -0.51 -8.24 -23.60
N ASP A 172 -0.87 -9.44 -23.16
CA ASP A 172 -0.35 -10.67 -23.71
C ASP A 172 -0.55 -10.63 -25.22
N GLY A 173 0.45 -11.07 -25.98
CA GLY A 173 0.35 -11.10 -27.43
C GLY A 173 0.45 -9.76 -28.14
N THR A 174 1.14 -8.80 -27.51
CA THR A 174 1.33 -7.47 -28.09
C THR A 174 2.64 -6.90 -27.60
N ASP A 175 3.11 -5.85 -28.24
CA ASP A 175 4.24 -5.10 -27.72
C ASP A 175 3.78 -4.02 -26.75
N ILE A 176 2.57 -4.14 -26.23
CA ILE A 176 1.92 -3.06 -25.49
C ILE A 176 1.90 -3.29 -23.98
N ALA A 177 2.35 -2.31 -23.22
CA ALA A 177 2.13 -2.29 -21.77
C ALA A 177 1.61 -0.91 -21.38
N PHE A 178 0.64 -0.87 -20.47
CA PHE A 178 0.00 0.38 -20.11
C PHE A 178 0.53 0.85 -18.76
N GLY A 179 1.11 2.04 -18.74
CA GLY A 179 1.73 2.58 -17.54
C GLY A 179 0.83 3.52 -16.74
N GLY A 180 -0.29 3.94 -17.30
CA GLY A 180 -1.18 4.84 -16.59
C GLY A 180 -0.60 6.22 -16.41
N CYS A 181 -0.82 6.82 -15.24
CA CYS A 181 -0.19 8.11 -14.95
C CYS A 181 1.23 7.96 -14.38
N LEU A 182 1.70 6.72 -14.21
CA LEU A 182 3.03 6.48 -13.63
C LEU A 182 4.16 6.93 -14.56
N ILE A 183 4.04 6.56 -15.83
CA ILE A 183 5.04 6.91 -16.83
C ILE A 183 4.68 8.19 -17.61
N LYS A 184 5.64 9.11 -17.68
CA LYS A 184 5.54 10.27 -18.56
C LYS A 184 6.23 9.98 -19.88
N ASP A 185 6.08 10.86 -20.87
CA ASP A 185 6.71 10.62 -22.18
C ASP A 185 8.21 10.98 -22.18
N SER A 186 8.93 10.44 -23.16
CA SER A 186 10.39 10.56 -23.20
C SER A 186 10.92 11.99 -23.33
N LYS A 187 10.07 12.92 -23.75
CA LYS A 187 10.47 14.31 -23.88
C LYS A 187 9.76 15.23 -22.87
N ALA A 188 9.14 14.67 -21.84
CA ALA A 188 8.40 15.46 -20.86
C ALA A 188 9.33 16.32 -19.99
N LYS A 189 8.88 17.52 -19.64
CA LYS A 189 9.69 18.44 -18.83
C LYS A 189 9.46 18.24 -17.33
N SER A 190 8.49 17.39 -16.97
CA SER A 190 8.18 17.12 -15.57
C SER A 190 7.42 15.81 -15.40
N LEU A 191 7.23 15.39 -14.15
CA LEU A 191 6.45 14.19 -13.84
C LEU A 191 4.96 14.48 -13.60
N GLY A 192 4.51 15.63 -14.07
CA GLY A 192 3.12 16.03 -13.94
C GLY A 192 2.72 16.24 -12.49
N ASN A 193 1.58 15.67 -12.10
CA ASN A 193 1.06 15.93 -10.76
C ASN A 193 1.67 15.04 -9.70
N LEU A 194 2.52 15.63 -8.87
CA LEU A 194 3.14 14.93 -7.76
C LEU A 194 2.31 15.08 -6.48
N GLY A 195 1.09 15.58 -6.62
CA GLY A 195 0.23 15.79 -5.47
C GLY A 195 0.09 14.58 -4.57
N ASP A 196 -0.06 13.40 -5.16
CA ASP A 196 -0.26 12.16 -4.42
C ASP A 196 0.98 11.26 -4.49
N ALA A 197 2.10 11.83 -4.94
CA ALA A 197 3.28 11.02 -5.26
C ALA A 197 4.10 10.55 -4.06
N ASP A 198 4.61 9.34 -4.16
CA ASP A 198 5.63 8.85 -3.26
C ASP A 198 6.95 9.20 -3.92
N THR A 199 7.56 10.28 -3.48
CA THR A 199 8.82 10.76 -4.06
C THR A 199 9.96 9.75 -3.94
N GLU A 200 10.10 9.13 -2.78
CA GLU A 200 11.22 8.26 -2.52
C GLU A 200 11.19 7.01 -3.40
N HIS A 201 10.01 6.42 -3.58
CA HIS A 201 9.93 5.13 -4.28
C HIS A 201 9.57 5.22 -5.76
N TYR A 202 9.32 6.45 -6.24
CA TYR A 202 8.83 6.62 -7.60
C TYR A 202 9.80 6.02 -8.62
N ALA A 203 11.08 6.36 -8.51
CA ALA A 203 12.05 5.87 -9.48
C ALA A 203 12.04 4.35 -9.55
N ALA A 204 12.13 3.71 -8.39
CA ALA A 204 12.07 2.26 -8.33
C ALA A 204 10.80 1.69 -8.93
N SER A 205 9.65 2.33 -8.67
CA SER A 205 8.40 1.80 -9.17
C SER A 205 8.35 1.89 -10.70
N ALA A 206 8.74 3.05 -11.24
CA ALA A 206 8.86 3.19 -12.68
C ALA A 206 9.76 2.10 -13.28
N ARG A 207 10.87 1.78 -12.60
CA ARG A 207 11.80 0.77 -13.09
C ARG A 207 11.22 -0.65 -12.96
N ALA A 208 10.37 -0.86 -11.96
CA ALA A 208 9.80 -2.19 -11.74
C ALA A 208 8.79 -2.51 -12.83
N PHE A 209 8.07 -1.48 -13.25
CA PHE A 209 7.10 -1.64 -14.33
C PHE A 209 7.87 -2.00 -15.61
N GLY A 210 8.93 -1.24 -15.88
CA GLY A 210 9.83 -1.59 -16.97
C GLY A 210 10.25 -3.05 -16.95
N ALA A 211 10.80 -3.51 -15.82
CA ALA A 211 11.29 -4.88 -15.73
C ALA A 211 10.19 -5.95 -15.76
N ALA A 212 8.98 -5.61 -15.30
CA ALA A 212 7.86 -6.55 -15.32
C ALA A 212 7.40 -6.91 -16.75
N PHE A 213 7.52 -5.95 -17.66
CA PHE A 213 7.14 -6.16 -19.05
C PHE A 213 8.36 -5.84 -19.91
N PRO A 214 9.40 -6.68 -19.81
CA PRO A 214 10.70 -6.44 -20.46
C PRO A 214 10.63 -6.51 -21.98
N LYS A 215 9.64 -7.19 -22.53
CA LYS A 215 9.55 -7.35 -23.99
C LYS A 215 8.59 -6.37 -24.67
N ALA A 216 8.12 -5.38 -23.93
CA ALA A 216 7.17 -4.42 -24.46
C ALA A 216 7.88 -3.21 -25.07
N SER A 217 7.48 -2.82 -26.28
CA SER A 217 8.12 -1.69 -26.97
C SER A 217 7.16 -0.52 -27.23
N MET A 218 5.86 -0.78 -27.07
CA MET A 218 4.83 0.27 -27.15
C MET A 218 4.22 0.56 -25.77
N ILE A 219 4.56 1.72 -25.21
CA ILE A 219 4.13 2.07 -23.87
C ILE A 219 3.02 3.11 -23.92
N VAL A 220 1.86 2.70 -23.42
CA VAL A 220 0.70 3.57 -23.40
C VAL A 220 0.65 4.26 -22.05
N MET A 221 0.42 5.57 -22.07
CA MET A 221 0.29 6.35 -20.84
C MET A 221 -0.93 7.24 -20.88
N SER A 222 -1.21 7.90 -19.76
CA SER A 222 -2.45 8.62 -19.62
C SER A 222 -2.59 9.95 -20.37
N HIS A 223 -1.48 10.63 -20.65
CA HIS A 223 -1.58 11.93 -21.32
C HIS A 223 -0.53 12.17 -22.41
N SER A 224 -0.22 11.14 -23.17
CA SER A 224 0.63 11.31 -24.33
C SER A 224 0.26 10.21 -25.29
N ALA A 225 0.57 10.41 -26.57
CA ALA A 225 0.51 9.33 -27.53
C ALA A 225 1.40 8.21 -27.01
N PRO A 226 1.13 6.96 -27.43
CA PRO A 226 2.04 5.86 -27.10
C PRO A 226 3.50 6.22 -27.44
N ASP A 227 4.44 5.83 -26.58
CA ASP A 227 5.86 6.17 -26.75
C ASP A 227 6.73 4.91 -26.71
N SER A 228 8.05 5.08 -26.79
CA SER A 228 9.00 3.97 -26.64
C SER A 228 9.46 3.76 -25.20
N ARG A 229 10.35 2.80 -24.99
CA ARG A 229 10.81 2.49 -23.66
C ARG A 229 11.61 3.64 -23.03
N ALA A 230 12.04 4.58 -23.86
CA ALA A 230 12.74 5.76 -23.36
C ALA A 230 11.85 6.53 -22.39
N ALA A 231 10.54 6.41 -22.58
CA ALA A 231 9.54 6.94 -21.65
C ALA A 231 9.78 6.46 -20.23
N ILE A 232 9.99 5.16 -20.08
CA ILE A 232 10.27 4.56 -18.78
C ILE A 232 11.58 5.09 -18.22
N THR A 233 12.64 4.97 -19.03
CA THR A 233 13.96 5.42 -18.65
C THR A 233 13.96 6.89 -18.22
N HIS A 234 13.33 7.73 -19.02
CA HIS A 234 13.30 9.18 -18.78
C HIS A 234 12.56 9.51 -17.49
N THR A 235 11.45 8.81 -17.25
CA THR A 235 10.64 9.02 -16.06
C THR A 235 11.43 8.70 -14.78
N ALA A 236 12.10 7.56 -14.78
CA ALA A 236 12.96 7.20 -13.65
C ALA A 236 14.08 8.21 -13.43
N ARG A 237 14.69 8.68 -14.52
CA ARG A 237 15.68 9.75 -14.45
C ARG A 237 15.10 10.99 -13.73
N MET A 238 13.91 11.42 -14.13
CA MET A 238 13.32 12.59 -13.48
C MET A 238 13.02 12.33 -12.01
N ALA A 239 12.55 11.12 -11.71
CA ALA A 239 12.18 10.75 -10.35
C ALA A 239 13.39 10.60 -9.43
N ASP A 240 14.53 10.25 -10.01
CA ASP A 240 15.78 10.18 -9.26
C ASP A 240 16.08 11.53 -8.60
N LYS A 241 15.84 12.60 -9.34
CA LYS A 241 16.10 13.97 -8.89
C LYS A 241 15.21 14.36 -7.71
N LEU A 242 14.10 13.64 -7.52
CA LEU A 242 13.24 13.87 -6.37
C LEU A 242 13.96 13.48 -5.09
N ARG A 243 14.15 12.17 -4.90
CA ARG A 243 14.81 11.64 -3.71
C ARG A 243 16.27 12.08 -3.65
N ALA B 3 23.14 8.57 23.85
CA ALA B 3 23.73 7.43 24.55
C ALA B 3 22.65 6.57 25.19
N ILE B 4 22.75 5.25 25.01
CA ILE B 4 21.68 4.32 25.32
C ILE B 4 21.38 4.17 26.82
N ARG B 5 22.39 3.78 27.58
CA ARG B 5 22.23 3.48 28.98
C ARG B 5 21.60 4.60 29.81
N PRO B 6 22.06 5.83 29.65
CA PRO B 6 21.47 6.91 30.45
C PRO B 6 19.99 7.10 30.13
N THR B 7 19.66 7.10 28.85
CA THR B 7 18.28 7.30 28.45
C THR B 7 17.39 6.17 28.95
N ILE B 8 17.88 4.94 28.91
CA ILE B 8 17.12 3.82 29.45
C ILE B 8 16.77 4.08 30.91
N GLY B 9 17.74 4.59 31.66
CA GLY B 9 17.54 4.94 33.06
C GLY B 9 16.43 5.95 33.28
N GLN B 10 16.46 7.04 32.50
CA GLN B 10 15.44 8.08 32.62
C GLN B 10 14.06 7.56 32.21
N GLN B 11 14.02 6.68 31.22
CA GLN B 11 12.75 6.21 30.66
C GLN B 11 12.00 5.24 31.59
N MET B 12 12.71 4.58 32.50
CA MET B 12 12.11 3.58 33.39
C MET B 12 10.99 4.14 34.28
N GLU B 13 9.90 3.39 34.36
CA GLU B 13 8.85 3.60 35.36
C GLU B 13 8.71 2.28 36.11
N THR B 14 8.10 2.30 37.29
CA THR B 14 7.91 1.06 38.03
C THR B 14 7.00 0.13 37.23
N GLY B 15 7.34 -1.17 37.20
CA GLY B 15 6.66 -2.12 36.35
C GLY B 15 7.54 -2.56 35.19
N ASP B 16 8.31 -1.61 34.66
CA ASP B 16 9.30 -1.90 33.62
C ASP B 16 10.38 -2.85 34.14
N GLN B 17 10.67 -3.88 33.35
CA GLN B 17 11.70 -4.86 33.66
C GLN B 17 12.85 -4.75 32.66
N ARG B 18 14.07 -4.63 33.18
CA ARG B 18 15.22 -4.49 32.29
C ARG B 18 15.90 -5.82 32.02
N PHE B 19 16.49 -5.96 30.83
CA PHE B 19 17.18 -7.17 30.44
C PHE B 19 18.29 -6.79 29.45
N GLY B 20 19.48 -6.47 29.97
CA GLY B 20 20.52 -5.90 29.15
C GLY B 20 20.10 -4.51 28.72
N ASP B 21 20.20 -4.17 27.44
CA ASP B 21 19.68 -2.89 26.98
C ASP B 21 18.21 -3.00 26.50
N LEU B 22 17.52 -4.06 26.84
CA LEU B 22 16.11 -4.19 26.48
C LEU B 22 15.18 -3.94 27.67
N VAL B 23 14.00 -3.39 27.39
CA VAL B 23 13.01 -3.18 28.45
C VAL B 23 11.70 -3.86 28.08
N PHE B 24 11.13 -4.52 29.07
CA PHE B 24 9.85 -5.18 28.90
C PHE B 24 8.88 -4.71 29.95
N ARG B 25 7.62 -4.58 29.55
CA ARG B 25 6.56 -4.15 30.45
C ARG B 25 5.32 -4.99 30.23
N GLN B 26 4.71 -5.46 31.31
CA GLN B 26 3.45 -6.18 31.16
C GLN B 26 2.28 -5.21 31.04
N LEU B 27 1.48 -5.35 29.99
CA LEU B 27 0.32 -4.46 29.80
C LEU B 27 -1.01 -5.10 30.21
N ALA B 28 -1.10 -6.42 30.08
CA ALA B 28 -2.32 -7.17 30.39
C ALA B 28 -1.79 -8.55 30.77
N PRO B 29 -2.64 -9.46 31.32
CA PRO B 29 -2.10 -10.75 31.76
C PRO B 29 -1.31 -11.55 30.71
N ASN B 30 -1.62 -11.38 29.44
CA ASN B 30 -0.96 -12.13 28.39
C ASN B 30 -0.27 -11.25 27.34
N VAL B 31 -0.03 -9.98 27.68
CA VAL B 31 0.51 -9.03 26.71
C VAL B 31 1.65 -8.20 27.32
N TRP B 32 2.82 -8.24 26.68
CA TRP B 32 4.00 -7.48 27.08
C TRP B 32 4.48 -6.56 25.98
N GLN B 33 4.91 -5.38 26.36
CA GLN B 33 5.54 -4.45 25.44
C GLN B 33 7.04 -4.66 25.50
N HIS B 34 7.66 -4.83 24.34
CA HIS B 34 9.11 -4.93 24.27
C HIS B 34 9.69 -3.63 23.73
N THR B 35 10.73 -3.11 24.38
CA THR B 35 11.35 -1.86 23.95
C THR B 35 12.82 -2.05 23.67
N SER B 36 13.29 -1.59 22.50
CA SER B 36 14.71 -1.58 22.18
C SER B 36 15.20 -0.18 21.82
N TYR B 37 16.51 0.03 21.87
CA TYR B 37 17.04 1.36 21.66
C TYR B 37 18.10 1.39 20.57
N LEU B 38 18.19 2.51 19.86
CA LEU B 38 19.20 2.75 18.86
C LEU B 38 19.66 4.20 18.96
N ASP B 39 20.95 4.45 19.01
CA ASP B 39 21.35 5.85 18.98
C ASP B 39 21.87 6.26 17.62
N MET B 40 21.23 7.29 17.06
CA MET B 40 21.73 7.92 15.85
C MET B 40 22.33 9.28 16.20
N PRO B 41 23.67 9.37 16.10
CA PRO B 41 24.52 10.51 16.49
C PRO B 41 23.96 11.88 16.12
N GLY B 42 24.16 12.84 17.02
CA GLY B 42 23.63 14.19 16.86
C GLY B 42 22.18 14.27 17.31
N PHE B 43 21.57 13.12 17.57
CA PHE B 43 20.15 13.06 17.87
C PHE B 43 19.80 12.19 19.08
N GLY B 44 20.60 11.17 19.33
CA GLY B 44 20.51 10.42 20.57
C GLY B 44 19.88 9.05 20.47
N ALA B 45 19.48 8.49 21.62
CA ALA B 45 18.88 7.15 21.69
C ALA B 45 17.37 7.17 21.46
N VAL B 46 16.89 6.28 20.59
CA VAL B 46 15.46 6.24 20.29
C VAL B 46 14.86 4.89 20.66
N ALA B 47 13.79 4.94 21.45
CA ALA B 47 13.08 3.72 21.85
C ALA B 47 12.15 3.30 20.72
N SER B 48 11.92 2.01 20.65
CA SER B 48 10.97 1.47 19.67
C SER B 48 10.24 0.34 20.37
N ASN B 49 8.91 0.41 20.35
CA ASN B 49 8.09 -0.54 21.07
C ASN B 49 7.51 -1.60 20.16
N GLY B 50 7.50 -2.85 20.61
CA GLY B 50 6.66 -3.83 19.96
C GLY B 50 5.83 -4.54 21.00
N LEU B 51 5.13 -5.60 20.61
CA LEU B 51 4.37 -6.37 21.59
C LEU B 51 4.76 -7.84 21.53
N ILE B 52 4.54 -8.54 22.63
CA ILE B 52 4.65 -9.98 22.70
C ILE B 52 3.31 -10.43 23.27
N VAL B 53 2.68 -11.40 22.62
CA VAL B 53 1.39 -11.94 23.04
C VAL B 53 1.45 -13.44 23.27
N ARG B 54 0.91 -13.88 24.39
CA ARG B 54 0.85 -15.31 24.66
C ARG B 54 -0.55 -15.79 24.35
N ASP B 55 -0.68 -16.60 23.30
CA ASP B 55 -1.97 -17.18 22.93
C ASP B 55 -1.99 -18.68 23.23
N GLY B 56 -2.65 -19.06 24.31
CA GLY B 56 -2.63 -20.44 24.78
C GLY B 56 -1.20 -20.91 24.95
N GLY B 57 -0.83 -21.92 24.17
CA GLY B 57 0.48 -22.56 24.30
C GLY B 57 1.53 -22.10 23.29
N ARG B 58 1.39 -20.88 22.79
CA ARG B 58 2.41 -20.34 21.92
C ARG B 58 2.51 -18.85 22.15
N VAL B 59 3.55 -18.25 21.60
CA VAL B 59 3.74 -16.81 21.71
C VAL B 59 3.74 -16.21 20.32
N LEU B 60 3.12 -15.04 20.19
CA LEU B 60 3.12 -14.31 18.93
C LEU B 60 3.83 -12.97 19.10
N VAL B 61 4.62 -12.58 18.10
CA VAL B 61 5.38 -11.35 18.18
C VAL B 61 4.90 -10.28 17.21
N VAL B 62 4.81 -9.05 17.69
CA VAL B 62 4.51 -7.92 16.80
C VAL B 62 5.71 -7.00 16.75
N ASP B 63 6.35 -6.96 15.58
CA ASP B 63 7.57 -6.19 15.31
C ASP B 63 8.81 -6.76 15.95
N THR B 64 9.94 -6.59 15.26
CA THR B 64 11.24 -6.96 15.78
C THR B 64 11.84 -5.76 16.48
N ALA B 65 13.01 -5.95 17.08
CA ALA B 65 13.81 -4.83 17.56
C ALA B 65 14.55 -4.16 16.40
N TRP B 66 15.37 -3.16 16.73
CA TRP B 66 16.11 -2.43 15.72
C TRP B 66 17.11 -3.32 14.99
N THR B 67 17.70 -4.27 15.72
CA THR B 67 18.74 -5.14 15.18
C THR B 67 18.51 -6.62 15.46
N ASP B 68 19.27 -7.45 14.76
CA ASP B 68 19.19 -8.90 14.85
C ASP B 68 19.59 -9.42 16.23
N ASP B 69 20.67 -8.88 16.80
CA ASP B 69 21.10 -9.31 18.13
C ASP B 69 20.07 -8.95 19.18
N GLN B 70 19.56 -7.72 19.12
CA GLN B 70 18.49 -7.27 20.01
C GLN B 70 17.27 -8.18 19.92
N THR B 71 16.95 -8.61 18.70
CA THR B 71 15.82 -9.49 18.46
C THR B 71 16.08 -10.89 19.04
N ALA B 72 17.31 -11.37 18.90
CA ALA B 72 17.69 -12.66 19.49
C ALA B 72 17.58 -12.55 21.00
N GLN B 73 17.98 -11.40 21.55
CA GLN B 73 17.82 -11.15 22.98
C GLN B 73 16.33 -11.14 23.39
N ILE B 74 15.45 -10.56 22.57
CA ILE B 74 14.01 -10.60 22.86
C ILE B 74 13.52 -12.06 22.94
N LEU B 75 13.93 -12.88 21.99
CA LEU B 75 13.61 -14.32 22.02
C LEU B 75 14.16 -15.02 23.25
N ASN B 76 15.29 -14.52 23.78
CA ASN B 76 15.85 -15.11 25.00
C ASN B 76 14.96 -14.81 26.19
N TRP B 77 14.55 -13.54 26.29
CA TRP B 77 13.68 -13.07 27.37
C TRP B 77 12.37 -13.85 27.37
N ILE B 78 11.78 -14.03 26.18
CA ILE B 78 10.61 -14.89 26.01
C ILE B 78 10.86 -16.32 26.59
N LYS B 79 11.97 -16.94 26.17
CA LYS B 79 12.34 -18.27 26.69
C LYS B 79 12.43 -18.29 28.22
N GLN B 80 12.99 -17.23 28.79
CA GLN B 80 13.19 -17.14 30.24
C GLN B 80 11.91 -16.81 31.01
N GLU B 81 11.19 -15.79 30.56
CA GLU B 81 10.02 -15.31 31.30
C GLU B 81 8.74 -16.07 30.97
N ILE B 82 8.57 -16.44 29.70
CA ILE B 82 7.35 -17.11 29.27
C ILE B 82 7.54 -18.62 29.04
N ASN B 83 8.61 -18.99 28.36
CA ASN B 83 8.90 -20.41 28.08
C ASN B 83 7.78 -21.10 27.30
N LEU B 84 7.32 -20.42 26.25
CA LEU B 84 6.44 -21.01 25.25
C LEU B 84 7.04 -20.69 23.88
N PRO B 85 6.94 -21.63 22.93
CA PRO B 85 7.47 -21.40 21.58
C PRO B 85 6.83 -20.20 20.88
N VAL B 86 7.62 -19.44 20.12
CA VAL B 86 7.10 -18.34 19.33
C VAL B 86 6.60 -18.89 17.98
N ALA B 87 5.29 -18.86 17.77
CA ALA B 87 4.71 -19.43 16.56
C ALA B 87 4.94 -18.58 15.29
N LEU B 88 4.85 -17.27 15.41
CA LEU B 88 4.92 -16.39 14.24
C LEU B 88 5.21 -14.98 14.69
N ALA B 89 5.67 -14.15 13.76
CA ALA B 89 5.84 -12.74 14.05
C ALA B 89 5.12 -11.94 12.95
N VAL B 90 4.55 -10.79 13.31
CA VAL B 90 3.94 -9.90 12.35
C VAL B 90 4.67 -8.60 12.47
N VAL B 91 5.10 -8.03 11.35
CA VAL B 91 5.76 -6.74 11.39
C VAL B 91 4.93 -5.71 10.64
N THR B 92 4.95 -4.48 11.12
CA THR B 92 3.89 -3.56 10.76
C THR B 92 4.20 -2.61 9.61
N HIS B 93 5.49 -2.52 9.24
CA HIS B 93 5.90 -1.95 7.97
C HIS B 93 7.41 -2.08 7.78
N ALA B 94 7.86 -1.76 6.58
CA ALA B 94 9.26 -1.93 6.20
C ALA B 94 10.16 -0.78 6.66
N HIS B 95 10.34 -0.63 7.97
CA HIS B 95 11.33 0.30 8.54
C HIS B 95 12.18 -0.45 9.58
N GLN B 96 13.37 0.06 9.84
CA GLN B 96 14.35 -0.61 10.70
C GLN B 96 13.82 -0.87 12.09
N ASP B 97 13.05 0.09 12.62
CA ASP B 97 12.49 -0.09 13.95
C ASP B 97 11.45 -1.21 14.04
N LYS B 98 10.90 -1.63 12.90
CA LYS B 98 9.93 -2.73 12.88
C LYS B 98 10.46 -4.01 12.26
N MET B 99 11.41 -3.91 11.33
CA MET B 99 11.85 -5.09 10.60
C MET B 99 13.35 -5.31 10.65
N GLY B 100 14.04 -4.54 11.47
CA GLY B 100 15.48 -4.63 11.55
C GLY B 100 16.01 -5.97 12.05
N GLY B 101 15.16 -6.79 12.66
CA GLY B 101 15.64 -8.07 13.20
C GLY B 101 15.10 -9.32 12.52
N MET B 102 14.67 -9.20 11.27
CA MET B 102 14.10 -10.32 10.51
C MET B 102 15.00 -11.55 10.41
N ASP B 103 16.30 -11.35 10.13
CA ASP B 103 17.22 -12.50 10.01
C ASP B 103 17.28 -13.32 11.30
N ALA B 104 17.18 -12.62 12.42
CA ALA B 104 17.17 -13.31 13.70
C ALA B 104 15.94 -14.21 13.80
N LEU B 105 14.78 -13.73 13.31
CA LEU B 105 13.54 -14.50 13.44
C LEU B 105 13.64 -15.74 12.55
N HIS B 106 14.12 -15.52 11.34
CA HIS B 106 14.30 -16.59 10.38
C HIS B 106 15.28 -17.66 10.86
N ALA B 107 16.43 -17.25 11.41
CA ALA B 107 17.38 -18.20 11.98
C ALA B 107 16.76 -18.96 13.16
N ALA B 108 15.79 -18.35 13.84
CA ALA B 108 15.19 -18.99 15.00
C ALA B 108 14.01 -19.90 14.64
N GLY B 109 13.72 -20.01 13.35
CA GLY B 109 12.71 -20.92 12.84
C GLY B 109 11.30 -20.38 12.92
N ILE B 110 11.17 -19.05 12.95
CA ILE B 110 9.88 -18.44 13.22
C ILE B 110 9.19 -17.96 11.94
N ALA B 111 7.90 -18.25 11.79
CA ALA B 111 7.18 -17.82 10.57
C ALA B 111 6.90 -16.33 10.59
N THR B 112 7.22 -15.63 9.51
CA THR B 112 7.05 -14.19 9.50
C THR B 112 6.05 -13.72 8.45
N TYR B 113 5.28 -12.71 8.84
CA TYR B 113 4.19 -12.17 8.05
C TYR B 113 4.38 -10.68 7.97
N ALA B 114 4.08 -10.13 6.79
CA ALA B 114 3.94 -8.67 6.66
C ALA B 114 2.98 -8.38 5.52
N ASN B 115 2.55 -7.14 5.44
CA ASN B 115 1.75 -6.64 4.33
C ASN B 115 2.55 -6.95 3.06
N ALA B 116 1.87 -7.43 2.04
CA ALA B 116 2.53 -7.74 0.77
C ALA B 116 3.35 -6.55 0.34
N LEU B 117 2.78 -5.36 0.54
CA LEU B 117 3.46 -4.14 0.18
C LEU B 117 4.76 -3.91 0.98
N SER B 118 4.75 -4.21 2.27
CA SER B 118 5.98 -4.10 3.06
C SER B 118 7.09 -5.00 2.50
N ASN B 119 6.71 -6.21 2.09
CA ASN B 119 7.64 -7.18 1.57
C ASN B 119 8.21 -6.73 0.25
N GLN B 120 7.37 -6.11 -0.57
CA GLN B 120 7.79 -5.61 -1.87
C GLN B 120 8.72 -4.43 -1.63
N LEU B 121 8.46 -3.66 -0.57
CA LEU B 121 9.28 -2.47 -0.31
C LEU B 121 10.57 -2.76 0.45
N ALA B 122 10.60 -3.90 1.13
CA ALA B 122 11.65 -4.19 2.08
C ALA B 122 13.09 -4.09 1.52
N PRO B 123 13.39 -4.71 0.36
CA PRO B 123 14.75 -4.56 -0.18
C PRO B 123 15.16 -3.10 -0.45
N GLN B 124 14.26 -2.30 -1.02
CA GLN B 124 14.47 -0.85 -1.13
C GLN B 124 14.80 -0.20 0.21
N GLU B 125 14.11 -0.63 1.27
CA GLU B 125 14.29 -0.01 2.60
C GLU B 125 15.47 -0.58 3.37
N GLY B 126 16.25 -1.43 2.70
CA GLY B 126 17.39 -2.08 3.32
C GLY B 126 16.97 -3.11 4.36
N MET B 127 15.77 -3.65 4.23
CA MET B 127 15.29 -4.66 5.18
C MET B 127 15.24 -6.03 4.50
N VAL B 128 15.12 -7.08 5.29
CA VAL B 128 14.85 -8.43 4.79
C VAL B 128 13.34 -8.69 4.79
N ALA B 129 12.79 -9.17 3.66
CA ALA B 129 11.35 -9.44 3.56
C ALA B 129 10.91 -10.53 4.53
N ALA B 130 9.67 -10.45 5.00
CA ALA B 130 9.08 -11.56 5.75
C ALA B 130 8.80 -12.73 4.79
N GLN B 131 8.61 -13.93 5.31
CA GLN B 131 8.38 -15.10 4.45
C GLN B 131 6.98 -15.13 3.84
N HIS B 132 6.01 -14.54 4.54
CA HIS B 132 4.62 -14.57 4.10
C HIS B 132 4.05 -13.19 3.91
N SER B 133 3.10 -13.06 2.98
CA SER B 133 2.52 -11.77 2.62
C SER B 133 1.05 -11.72 2.98
N LEU B 134 0.65 -10.65 3.64
CA LEU B 134 -0.75 -10.46 4.02
C LEU B 134 -1.41 -9.59 2.99
N THR B 135 -2.64 -9.92 2.63
CA THR B 135 -3.41 -9.04 1.74
C THR B 135 -4.70 -8.60 2.44
N PHE B 136 -5.35 -7.55 1.92
CA PHE B 136 -6.39 -6.83 2.67
C PHE B 136 -7.62 -6.52 1.82
N ALA B 137 -8.80 -6.47 2.43
CA ALA B 137 -10.01 -6.16 1.69
C ALA B 137 -10.09 -4.65 1.53
N ALA B 138 -10.98 -4.22 0.66
CA ALA B 138 -11.24 -2.80 0.44
C ALA B 138 -11.53 -2.09 1.73
N ASN B 139 -12.10 -2.80 2.71
CA ASN B 139 -12.46 -2.14 4.00
C ASN B 139 -11.31 -2.13 4.98
N GLY B 140 -10.16 -2.63 4.53
CA GLY B 140 -8.96 -2.60 5.35
C GLY B 140 -8.70 -3.85 6.19
N TRP B 141 -9.68 -4.72 6.33
CA TRP B 141 -9.42 -5.94 7.12
C TRP B 141 -8.61 -6.99 6.39
N VAL B 142 -7.76 -7.67 7.13
CA VAL B 142 -6.89 -8.69 6.56
C VAL B 142 -7.76 -9.80 5.95
N GLU B 143 -7.32 -10.36 4.82
CA GLU B 143 -7.98 -11.54 4.23
C GLU B 143 -7.56 -12.76 5.05
N PRO B 144 -8.55 -13.47 5.63
CA PRO B 144 -8.24 -14.47 6.67
C PRO B 144 -7.33 -15.58 6.18
N ALA B 145 -7.40 -15.90 4.90
CA ALA B 145 -6.55 -16.98 4.35
C ALA B 145 -5.07 -16.62 4.30
N THR B 146 -4.73 -15.33 4.36
CA THR B 146 -3.32 -14.95 4.32
C THR B 146 -2.78 -14.77 5.74
N ALA B 147 -3.68 -14.77 6.71
CA ALA B 147 -3.32 -14.65 8.12
C ALA B 147 -3.78 -15.87 8.91
N PRO B 148 -3.27 -17.07 8.57
CA PRO B 148 -3.84 -18.24 9.24
C PRO B 148 -3.35 -18.41 10.68
N ASN B 149 -4.26 -18.80 11.57
CA ASN B 149 -3.90 -19.12 12.96
C ASN B 149 -3.27 -17.96 13.71
N PHE B 150 -3.85 -16.78 13.51
CA PHE B 150 -3.35 -15.58 14.17
C PHE B 150 -3.92 -15.38 15.57
N GLY B 151 -4.69 -16.34 16.06
CA GLY B 151 -5.23 -16.28 17.40
C GLY B 151 -6.01 -14.99 17.68
N PRO B 152 -5.56 -14.21 18.66
CA PRO B 152 -6.28 -12.97 19.01
C PRO B 152 -5.83 -11.77 18.19
N LEU B 153 -4.88 -11.97 17.28
CA LEU B 153 -4.36 -10.86 16.49
C LEU B 153 -5.33 -10.56 15.37
N LYS B 154 -5.81 -9.32 15.31
CA LYS B 154 -6.77 -8.89 14.31
C LYS B 154 -6.10 -7.79 13.49
N VAL B 155 -5.71 -8.12 12.24
CA VAL B 155 -4.87 -7.24 11.49
C VAL B 155 -5.67 -6.32 10.56
N PHE B 156 -5.30 -5.04 10.56
CA PHE B 156 -6.10 -4.02 9.89
C PHE B 156 -5.15 -3.04 9.27
N TYR B 157 -5.39 -2.80 7.98
CA TYR B 157 -4.65 -1.83 7.21
C TYR B 157 -5.47 -0.56 7.07
N PRO B 158 -5.06 0.49 7.78
CA PRO B 158 -5.86 1.70 7.85
C PRO B 158 -5.74 2.56 6.60
N GLY B 159 -4.76 2.27 5.75
CA GLY B 159 -4.46 3.08 4.57
C GLY B 159 -3.18 3.89 4.78
N PRO B 160 -2.68 4.51 3.70
CA PRO B 160 -1.36 5.17 3.79
C PRO B 160 -1.33 6.27 4.86
N GLY B 161 -0.20 6.45 5.52
CA GLY B 161 -0.13 7.45 6.58
C GLY B 161 1.30 7.74 6.96
N HIS B 162 1.79 7.12 8.03
CA HIS B 162 3.22 7.19 8.38
C HIS B 162 4.02 6.67 7.18
N THR B 163 3.58 5.55 6.62
CA THR B 163 4.12 5.03 5.35
C THR B 163 2.95 4.51 4.52
N SER B 164 3.20 4.16 3.25
CA SER B 164 2.14 3.62 2.41
C SER B 164 1.74 2.24 2.91
N ASP B 165 2.65 1.52 3.57
CA ASP B 165 2.36 0.11 3.89
C ASP B 165 1.96 -0.18 5.36
N ASN B 166 1.88 0.87 6.20
CA ASN B 166 1.68 0.64 7.63
C ASN B 166 0.43 -0.14 7.98
N ILE B 167 0.60 -1.18 8.79
CA ILE B 167 -0.55 -1.92 9.29
C ILE B 167 -0.69 -1.77 10.81
N THR B 168 -1.83 -2.18 11.34
CA THR B 168 -2.10 -2.05 12.76
C THR B 168 -2.69 -3.36 13.26
N VAL B 169 -2.68 -3.56 14.57
CA VAL B 169 -3.17 -4.82 15.13
C VAL B 169 -3.96 -4.64 16.45
N GLY B 170 -5.15 -5.20 16.51
CA GLY B 170 -5.88 -5.29 17.77
C GLY B 170 -5.67 -6.63 18.43
N ILE B 171 -5.66 -6.66 19.76
CA ILE B 171 -5.61 -7.94 20.46
C ILE B 171 -6.97 -8.29 21.05
N ASP B 172 -7.62 -9.29 20.46
CA ASP B 172 -8.92 -9.71 20.95
C ASP B 172 -8.82 -10.21 22.36
N GLY B 173 -9.86 -9.95 23.16
CA GLY B 173 -9.88 -10.37 24.54
C GLY B 173 -9.19 -9.39 25.47
N THR B 174 -8.77 -8.25 24.93
CA THR B 174 -8.08 -7.23 25.73
C THR B 174 -8.49 -5.82 25.30
N ASP B 175 -7.99 -4.84 26.06
CA ASP B 175 -8.30 -3.43 25.80
C ASP B 175 -7.34 -2.80 24.81
N ILE B 176 -6.49 -3.62 24.19
CA ILE B 176 -5.28 -3.11 23.52
C ILE B 176 -5.36 -3.09 21.99
N ALA B 177 -4.98 -1.98 21.37
CA ALA B 177 -4.69 -1.97 19.93
C ALA B 177 -3.35 -1.32 19.69
N PHE B 178 -2.67 -1.75 18.64
CA PHE B 178 -1.30 -1.31 18.40
C PHE B 178 -1.28 -0.46 17.16
N GLY B 179 -0.94 0.81 17.31
CA GLY B 179 -0.95 1.71 16.18
C GLY B 179 0.38 1.83 15.48
N GLY B 180 1.44 1.32 16.11
CA GLY B 180 2.78 1.42 15.53
C GLY B 180 3.27 2.86 15.38
N CYS B 181 3.97 3.16 14.30
CA CYS B 181 4.39 4.55 14.09
C CYS B 181 3.27 5.48 13.63
N LEU B 182 2.12 4.92 13.28
CA LEU B 182 1.03 5.73 12.72
C LEU B 182 0.49 6.73 13.72
N ILE B 183 0.33 6.26 14.96
CA ILE B 183 -0.26 7.02 16.06
C ILE B 183 0.81 7.58 16.99
N LYS B 184 0.70 8.88 17.29
CA LYS B 184 1.52 9.57 18.30
C LYS B 184 0.73 9.71 19.60
N ASP B 185 1.42 10.01 20.70
CA ASP B 185 0.73 10.15 21.99
C ASP B 185 -0.06 11.46 22.09
N SER B 186 -0.95 11.53 23.08
CA SER B 186 -1.93 12.60 23.16
C SER B 186 -1.32 13.96 23.49
N LYS B 187 -0.04 13.98 23.88
CA LYS B 187 0.61 15.23 24.20
C LYS B 187 1.81 15.51 23.29
N ALA B 188 1.91 14.80 22.16
CA ALA B 188 3.11 14.93 21.33
C ALA B 188 3.12 16.26 20.58
N LYS B 189 4.32 16.76 20.30
CA LYS B 189 4.52 18.04 19.64
C LYS B 189 4.51 17.87 18.14
N SER B 190 4.66 16.64 17.67
CA SER B 190 4.79 16.42 16.25
C SER B 190 4.39 15.01 15.87
N LEU B 191 4.40 14.74 14.56
CA LEU B 191 4.12 13.41 14.02
C LEU B 191 5.40 12.64 13.71
N GLY B 192 6.51 13.13 14.25
CA GLY B 192 7.79 12.46 14.14
C GLY B 192 8.23 12.43 12.69
N ASN B 193 8.57 11.24 12.22
CA ASN B 193 9.24 11.12 10.93
C ASN B 193 8.24 11.04 9.80
N LEU B 194 8.13 12.13 9.05
CA LEU B 194 7.20 12.21 7.93
C LEU B 194 7.88 12.03 6.57
N GLY B 195 9.11 11.51 6.57
CA GLY B 195 9.85 11.31 5.33
C GLY B 195 9.19 10.37 4.33
N ASP B 196 8.43 9.39 4.84
CA ASP B 196 7.79 8.41 3.98
C ASP B 196 6.27 8.62 4.00
N ALA B 197 5.85 9.68 4.70
CA ALA B 197 4.42 9.88 4.97
C ALA B 197 3.60 10.24 3.73
N ASP B 198 2.31 9.88 3.78
CA ASP B 198 1.31 10.36 2.83
C ASP B 198 0.56 11.49 3.51
N THR B 199 0.87 12.73 3.16
CA THR B 199 0.32 13.88 3.90
C THR B 199 -1.18 14.09 3.69
N GLU B 200 -1.67 13.72 2.52
CA GLU B 200 -3.08 13.93 2.25
C GLU B 200 -3.96 12.92 2.99
N HIS B 201 -3.51 11.67 3.06
CA HIS B 201 -4.35 10.59 3.61
C HIS B 201 -4.14 10.25 5.08
N TYR B 202 -3.09 10.82 5.69
CA TYR B 202 -2.70 10.46 7.05
C TYR B 202 -3.86 10.62 8.05
N ALA B 203 -4.44 11.82 8.10
CA ALA B 203 -5.63 12.06 8.95
C ALA B 203 -6.69 10.96 8.87
N ALA B 204 -7.13 10.65 7.65
CA ALA B 204 -8.11 9.59 7.46
C ALA B 204 -7.66 8.23 7.96
N SER B 205 -6.38 7.88 7.68
CA SER B 205 -5.89 6.56 8.07
C SER B 205 -5.83 6.44 9.59
N ALA B 206 -5.39 7.50 10.25
CA ALA B 206 -5.43 7.52 11.71
C ALA B 206 -6.85 7.29 12.22
N ARG B 207 -7.81 8.00 11.62
CA ARG B 207 -9.22 7.89 12.03
C ARG B 207 -9.78 6.48 11.74
N ALA B 208 -9.39 5.91 10.59
CA ALA B 208 -9.80 4.55 10.23
C ALA B 208 -9.33 3.52 11.25
N PHE B 209 -8.09 3.67 11.73
CA PHE B 209 -7.55 2.80 12.77
C PHE B 209 -8.42 2.87 14.02
N GLY B 210 -8.73 4.10 14.42
CA GLY B 210 -9.68 4.31 15.51
C GLY B 210 -11.02 3.60 15.33
N ALA B 211 -11.63 3.75 14.16
CA ALA B 211 -12.96 3.17 13.95
C ALA B 211 -12.91 1.64 13.84
N ALA B 212 -11.76 1.10 13.43
CA ALA B 212 -11.61 -0.34 13.25
C ALA B 212 -11.55 -1.05 14.61
N PHE B 213 -11.02 -0.36 15.61
CA PHE B 213 -10.98 -0.90 16.97
C PHE B 213 -11.68 0.08 17.91
N PRO B 214 -13.00 0.22 17.78
CA PRO B 214 -13.72 1.24 18.56
C PRO B 214 -13.76 1.00 20.07
N LYS B 215 -13.59 -0.23 20.52
CA LYS B 215 -13.68 -0.54 21.94
C LYS B 215 -12.36 -0.34 22.69
N ALA B 216 -11.25 -0.32 21.95
CA ALA B 216 -9.92 -0.30 22.58
C ALA B 216 -9.63 0.98 23.40
N SER B 217 -9.22 0.81 24.65
CA SER B 217 -8.90 1.97 25.49
C SER B 217 -7.40 2.19 25.74
N MET B 218 -6.59 1.18 25.46
CA MET B 218 -5.14 1.34 25.61
C MET B 218 -4.43 1.26 24.25
N ILE B 219 -3.89 2.38 23.80
CA ILE B 219 -3.27 2.43 22.47
C ILE B 219 -1.75 2.34 22.62
N VAL B 220 -1.15 1.34 22.00
CA VAL B 220 0.27 1.11 22.11
C VAL B 220 0.91 1.68 20.85
N MET B 221 1.99 2.43 20.99
CA MET B 221 2.66 2.93 19.81
C MET B 221 4.16 2.70 19.89
N SER B 222 4.85 2.97 18.79
CA SER B 222 6.30 2.75 18.69
C SER B 222 7.22 3.57 19.62
N HIS B 223 6.90 4.84 19.87
CA HIS B 223 7.87 5.69 20.59
C HIS B 223 7.39 6.35 21.87
N SER B 224 6.50 5.68 22.59
CA SER B 224 5.87 6.30 23.74
C SER B 224 5.12 5.23 24.50
N ALA B 225 5.07 5.40 25.83
CA ALA B 225 4.23 4.59 26.69
C ALA B 225 2.80 4.51 26.16
N PRO B 226 2.10 3.39 26.46
CA PRO B 226 0.71 3.24 26.01
C PRO B 226 -0.18 4.39 26.47
N ASP B 227 -1.15 4.78 25.65
CA ASP B 227 -1.95 5.98 25.92
C ASP B 227 -3.43 5.66 25.78
N SER B 228 -4.26 6.67 25.97
CA SER B 228 -5.69 6.51 25.76
C SER B 228 -6.03 6.84 24.31
N ARG B 229 -7.33 6.81 24.00
CA ARG B 229 -7.79 7.07 22.64
C ARG B 229 -7.51 8.52 22.23
N ALA B 230 -7.29 9.38 23.23
CA ALA B 230 -6.84 10.76 22.97
C ALA B 230 -5.64 10.80 22.04
N ALA B 231 -4.85 9.74 22.03
CA ALA B 231 -3.69 9.68 21.15
C ALA B 231 -4.14 9.60 19.69
N ILE B 232 -5.23 8.88 19.44
CA ILE B 232 -5.76 8.78 18.08
C ILE B 232 -6.30 10.12 17.56
N THR B 233 -7.16 10.75 18.36
CA THR B 233 -7.72 12.06 18.07
C THR B 233 -6.66 13.14 17.90
N HIS B 234 -5.67 13.13 18.79
CA HIS B 234 -4.61 14.13 18.72
C HIS B 234 -3.73 13.91 17.48
N THR B 235 -3.46 12.67 17.15
CA THR B 235 -2.71 12.36 15.93
C THR B 235 -3.46 12.83 14.67
N ALA B 236 -4.75 12.54 14.62
CA ALA B 236 -5.61 12.97 13.50
C ALA B 236 -5.66 14.50 13.33
N ARG B 237 -5.69 15.22 14.44
CA ARG B 237 -5.69 16.67 14.39
C ARG B 237 -4.36 17.23 13.90
N MET B 238 -3.25 16.65 14.35
CA MET B 238 -1.95 17.07 13.84
C MET B 238 -1.92 16.85 12.32
N ALA B 239 -2.40 15.69 11.90
CA ALA B 239 -2.37 15.32 10.48
C ALA B 239 -3.29 16.16 9.61
N ASP B 240 -4.36 16.69 10.21
CA ASP B 240 -5.27 17.59 9.49
C ASP B 240 -4.50 18.78 8.93
N LYS B 241 -3.46 19.20 9.66
CA LYS B 241 -2.70 20.39 9.31
C LYS B 241 -1.66 20.11 8.23
N LEU B 242 -1.50 18.84 7.87
CA LEU B 242 -0.64 18.50 6.75
C LEU B 242 -1.39 18.81 5.46
N ARG B 243 -2.72 18.73 5.52
CA ARG B 243 -3.56 18.89 4.34
C ARG B 243 -3.67 20.34 3.86
C2 FPM C . -1.76 15.65 -14.52
C6 FPM C . -4.91 14.74 -12.90
C5 FPM C . -4.26 15.10 -14.26
C7 FPM C . -3.79 13.75 -12.73
N4 FPM C . -3.20 14.26 -13.77
C3 FPM C . -1.95 14.37 -14.20
S1 FPM C . -3.20 16.50 -14.41
C31 FPM C . -1.00 13.26 -14.28
O7 FPM C . -3.56 12.87 -11.91
C61 FPM C . -6.21 13.98 -13.10
O62 FPM C . -6.98 14.62 -14.13
C62 FPM C . -7.04 13.94 -11.82
O32 FPM C . 0.14 13.41 -13.81
O31 FPM C . -1.36 12.20 -14.83
O72 SFR D . -4.24 12.84 -11.76
C7 SFR D . -4.99 13.04 -12.74
C6 SFR D . -5.03 14.42 -13.34
N4 SFR D . -3.12 13.54 -14.61
C5 SFR D . -4.28 14.41 -14.67
C3 SFR D . -1.96 14.17 -14.79
C2 SFR D . -2.10 15.48 -14.99
S1 SFR D . -3.60 15.90 -14.96
C31 SFR D . -0.69 13.45 -14.76
O71 SFR D . -5.69 12.14 -13.25
C61 SFR D . -6.48 14.85 -13.53
O62 SFR D . -6.51 16.22 -13.95
C62 SFR D . -7.26 14.69 -12.23
O32 SFR D . 0.25 13.91 -14.08
O31 SFR D . -0.57 12.40 -15.42
CD CD E . -3.68 10.04 -11.65
CD CD F . -3.04 11.68 -14.63
CD CD G . -5.56 12.71 -3.72
CL CL H . 7.02 -7.92 -21.73
CL CL I . 5.43 17.74 -20.13
O72 SFR J . 10.40 6.17 10.95
C7 SFR J . 10.97 5.37 11.72
C6 SFR J . 12.25 5.80 12.38
N4 SFR J . 10.51 6.63 13.89
C5 SFR J . 11.95 6.42 13.74
C3 SFR J . 10.18 7.92 14.03
C2 SFR J . 11.21 8.75 14.00
S1 SFR J . 12.55 7.96 13.82
C31 SFR J . 8.78 8.32 14.20
O71 SFR J . 10.52 4.22 11.97
O32 SFR J . 8.43 9.46 13.84
O31 SFR J . 7.97 7.50 14.68
C2 FPM K . 11.22 8.79 14.25
C6 FPM K . 12.41 5.84 12.48
C5 FPM K . 12.33 6.51 13.86
C7 FPM K . 10.95 6.13 12.33
N4 FPM K . 10.99 6.84 13.42
C3 FPM K . 10.32 7.87 13.91
S1 FPM K . 12.77 8.20 14.09
C31 FPM K . 8.87 7.93 14.03
O7 FPM K . 10.10 5.80 11.53
C61 FPM K . 12.63 4.34 12.60
O62 FPM K . 13.63 4.08 13.60
C62 FPM K . 13.08 3.74 11.28
O32 FPM K . 8.27 8.94 13.61
O31 FPM K . 8.26 6.96 14.53
C1 GOL L . 30.81 3.02 30.63
O1 GOL L . 31.53 4.01 29.93
C2 GOL L . 31.31 1.68 30.19
O2 GOL L . 32.50 1.36 30.93
C3 GOL L . 30.15 0.72 30.44
O3 GOL L . 29.64 0.91 31.76
C1 GOL M . 22.99 -1.84 33.12
O1 GOL M . 23.98 -2.16 32.15
C2 GOL M . 23.45 -1.90 34.56
O2 GOL M . 24.36 -0.84 34.86
C3 GOL M . 22.22 -1.63 35.40
O3 GOL M . 22.59 -1.28 36.73
CD CD N . 8.47 3.76 10.79
CD CD O . 9.00 4.95 14.02
CD CD P . 12.01 5.17 2.98
CL CL Q . -12.07 -2.75 19.51
CL CL R . 7.33 14.87 20.22
#